data_7MDF
#
_entry.id   7MDF
#
_cell.length_a   96.686
_cell.length_b   96.686
_cell.length_c   182.736
_cell.angle_alpha   90.000
_cell.angle_beta   90.000
_cell.angle_gamma   90.000
#
_symmetry.space_group_name_H-M   'P 42 21 2'
#
loop_
_entity.id
_entity.type
_entity.pdbx_description
1 polymer Beta-lactamase
2 non-polymer 'DIMETHYL SULFOXIDE'
3 non-polymer 'methyl N~2~-[4-(4-bromophenyl)butanoyl]-D-asparaginyl-L-alaninate'
4 non-polymer N~2~-[4-(4-bromophenyl)butanoyl]-D-asparagine
5 non-polymer 'NONAETHYLENE GLYCOL'
6 non-polymer 'Lauryl Maltose Neopentyl Glycol'
7 non-polymer '(2S)-2,3-dihydroxypropyl (9Z)-hexadec-9-enoate'
8 non-polymer 'SULFATE ION'
9 non-polymer 'CHLORIDE ION'
10 water water
#
_entity_poly.entity_id   1
_entity_poly.type   'polypeptide(L)'
_entity_poly.pdbx_seq_one_letter_code
;QEHEPIGAQDERLSTLIHQRMQEAKVPALSVSVTIKGVRQRFVYGVADVASQKANTLDTVYELGAMSKAFTGLVVQILIQ
EGRLRQGDDIITYLPEMRLNYQGKPASLTVADFLYHTSGLPFSTLARLENPMPGSAVAQQLRNENLLFAPGAKFSYASAN
YDVLGAVIENVTGKTFTEVIAERLTQPLGMSATVAVKGDEIIVNKASGYKLGFGKPVLFHAPLARNHVPAAYIHSTLPDM
EIWIDAWLHRKALPATLREAMSNSWRGNSDVPLAADNRILYASGWFIDQNQGPYISHGGQNPNFSSCIALRPDQQIGIVA
LANMNSNLILQLCADIDNYLRIGKYADGAGDAITATDTLFVYLTLLLCFWGAVVVVRGAFRVYRATAHGPGKQQRLRLRV
RDYIIALAVPGLVAAMLYVAPGIMSPGLDWRFILVWGPSSVLAIPFGMILLAFVLTLNHQIKRILLHNKEWDDEHHHHHH
;
_entity_poly.pdbx_strand_id   A
#
# COMPACT_ATOMS: atom_id res chain seq x y z
N ILE A 6 20.08 -28.91 -7.41
CA ILE A 6 20.69 -30.04 -8.10
C ILE A 6 19.81 -30.51 -9.26
N GLY A 7 18.86 -29.68 -9.67
CA GLY A 7 18.00 -30.03 -10.78
C GLY A 7 17.20 -28.83 -11.24
N ALA A 8 16.72 -28.92 -12.50
CA ALA A 8 16.03 -27.81 -13.13
C ALA A 8 14.88 -27.30 -12.27
N GLN A 9 14.54 -26.02 -12.46
CA GLN A 9 13.43 -25.44 -11.74
C GLN A 9 12.10 -25.97 -12.27
N ASP A 10 11.08 -25.90 -11.44
CA ASP A 10 9.77 -26.46 -11.73
C ASP A 10 9.07 -25.66 -12.84
N GLU A 11 8.77 -26.33 -13.96
CA GLU A 11 8.16 -25.65 -15.11
C GLU A 11 6.67 -25.35 -14.88
N ARG A 12 5.98 -26.14 -14.05
CA ARG A 12 4.60 -25.78 -13.71
C ARG A 12 4.55 -24.56 -12.81
N LEU A 13 5.52 -24.43 -11.92
CA LEU A 13 5.68 -23.21 -11.11
C LEU A 13 5.92 -21.99 -12.01
N SER A 14 6.88 -22.10 -12.92
CA SER A 14 7.16 -21.00 -13.83
C SER A 14 5.92 -20.61 -14.63
N THR A 15 5.18 -21.60 -15.12
CA THR A 15 3.94 -21.30 -15.84
C THR A 15 2.99 -20.45 -14.98
N LEU A 16 2.69 -20.92 -13.77
CA LEU A 16 1.82 -20.17 -12.85
C LEU A 16 2.23 -18.70 -12.76
N ILE A 17 3.53 -18.47 -12.49
CA ILE A 17 4.06 -17.14 -12.23
C ILE A 17 3.98 -16.24 -13.47
N HIS A 18 4.35 -16.76 -14.64
CA HIS A 18 4.16 -16.03 -15.89
C HIS A 18 2.70 -15.66 -16.10
N GLN A 19 1.79 -16.61 -15.86
CA GLN A 19 0.38 -16.36 -16.05
C GLN A 19 -0.11 -15.24 -15.14
N ARG A 20 0.22 -15.31 -13.84
CA ARG A 20 -0.18 -14.26 -12.92
C ARG A 20 0.48 -12.93 -13.26
N MET A 21 1.71 -12.96 -13.79
CA MET A 21 2.37 -11.73 -14.24
C MET A 21 1.63 -11.10 -15.41
N GLN A 22 1.21 -11.92 -16.38
CA GLN A 22 0.46 -11.40 -17.51
C GLN A 22 -0.90 -10.88 -17.08
N GLU A 23 -1.60 -11.61 -16.20
CA GLU A 23 -2.91 -11.14 -15.74
C GLU A 23 -2.77 -9.88 -14.90
N ALA A 24 -1.75 -9.83 -14.05
CA ALA A 24 -1.52 -8.65 -13.22
C ALA A 24 -1.11 -7.44 -14.06
N LYS A 25 -0.42 -7.67 -15.19
CA LYS A 25 0.14 -6.64 -16.05
C LYS A 25 1.29 -5.88 -15.37
N VAL A 26 1.94 -6.48 -14.37
CA VAL A 26 3.05 -5.77 -13.73
C VAL A 26 4.25 -5.74 -14.67
N PRO A 27 4.95 -4.61 -14.79
CA PRO A 27 6.11 -4.60 -15.70
C PRO A 27 7.24 -5.51 -15.21
N ALA A 28 7.50 -5.55 -13.91
CA ALA A 28 8.54 -6.41 -13.34
C ALA A 28 7.94 -7.28 -12.26
N LEU A 29 8.38 -8.53 -12.22
CA LEU A 29 8.03 -9.46 -11.17
C LEU A 29 9.25 -10.31 -10.84
N SER A 30 9.59 -10.37 -9.56
CA SER A 30 10.66 -11.25 -9.07
C SER A 30 10.07 -12.12 -7.99
N VAL A 31 10.35 -13.42 -8.05
CA VAL A 31 9.79 -14.41 -7.12
C VAL A 31 10.91 -15.35 -6.69
N SER A 32 10.90 -15.73 -5.41
CA SER A 32 11.83 -16.75 -4.92
C SER A 32 11.10 -17.74 -4.03
N VAL A 33 11.28 -19.03 -4.31
CA VAL A 33 10.68 -20.12 -3.56
C VAL A 33 11.80 -20.96 -2.95
N THR A 34 11.78 -21.11 -1.62
CA THR A 34 12.70 -21.97 -0.89
C THR A 34 11.93 -23.21 -0.45
N ILE A 35 12.52 -24.38 -0.64
CA ILE A 35 11.95 -25.62 -0.13
C ILE A 35 13.08 -26.48 0.39
N LYS A 36 13.32 -26.40 1.70
CA LYS A 36 14.40 -27.13 2.36
C LYS A 36 15.72 -26.91 1.62
N GLY A 37 16.17 -25.66 1.63
CA GLY A 37 17.41 -25.30 0.97
C GLY A 37 17.30 -25.07 -0.52
N VAL A 38 16.62 -25.96 -1.23
CA VAL A 38 16.50 -25.87 -2.68
C VAL A 38 15.66 -24.65 -3.02
N ARG A 39 16.28 -23.64 -3.61
CA ARG A 39 15.62 -22.41 -3.97
C ARG A 39 15.42 -22.31 -5.49
N GLN A 40 14.29 -21.73 -5.89
CA GLN A 40 14.02 -21.44 -7.29
C GLN A 40 13.72 -19.95 -7.44
N ARG A 41 14.21 -19.37 -8.51
CA ARG A 41 14.09 -17.94 -8.76
C ARG A 41 13.43 -17.71 -10.11
N PHE A 42 12.59 -16.67 -10.17
CA PHE A 42 11.81 -16.30 -11.34
C PHE A 42 11.87 -14.78 -11.44
N VAL A 43 12.64 -14.28 -12.40
CA VAL A 43 12.96 -12.86 -12.49
C VAL A 43 12.61 -12.42 -13.91
N TYR A 44 11.50 -11.68 -14.05
CA TYR A 44 10.94 -11.39 -15.36
C TYR A 44 10.61 -9.91 -15.51
N GLY A 45 10.66 -9.44 -16.76
CA GLY A 45 10.15 -8.12 -17.10
C GLY A 45 11.18 -7.02 -16.95
N VAL A 46 10.68 -5.78 -16.89
CA VAL A 46 11.49 -4.58 -16.93
C VAL A 46 11.22 -3.75 -15.66
N ALA A 47 12.28 -3.34 -14.99
CA ALA A 47 12.18 -2.45 -13.84
C ALA A 47 11.82 -1.02 -14.24
N ASP A 48 12.13 -0.60 -15.48
CA ASP A 48 11.76 0.73 -15.98
C ASP A 48 11.35 0.58 -17.44
N VAL A 49 10.15 1.04 -17.77
CA VAL A 49 9.59 0.77 -19.10
C VAL A 49 10.20 1.71 -20.13
N ALA A 50 10.21 3.00 -19.82
CA ALA A 50 10.59 4.02 -20.80
C ALA A 50 12.02 3.83 -21.31
N SER A 51 12.92 3.39 -20.43
CA SER A 51 14.29 3.12 -20.81
C SER A 51 14.57 1.64 -21.03
N GLN A 52 13.55 0.79 -20.93
CA GLN A 52 13.70 -0.66 -21.12
C GLN A 52 14.80 -1.22 -20.23
N LYS A 53 14.79 -0.81 -18.97
CA LYS A 53 15.76 -1.28 -18.00
C LYS A 53 15.26 -2.60 -17.41
N ALA A 54 16.12 -3.62 -17.46
CA ALA A 54 15.72 -4.98 -17.11
C ALA A 54 15.57 -5.17 -15.61
N ASN A 55 14.55 -5.96 -15.23
CA ASN A 55 14.48 -6.48 -13.87
C ASN A 55 15.62 -7.45 -13.64
N THR A 56 16.50 -7.13 -12.70
CA THR A 56 17.60 -8.01 -12.34
C THR A 56 17.54 -8.31 -10.84
N LEU A 57 18.40 -9.22 -10.40
CA LEU A 57 18.52 -9.46 -8.96
C LEU A 57 18.94 -8.20 -8.21
N ASP A 58 19.67 -7.29 -8.85
CA ASP A 58 20.05 -6.04 -8.19
C ASP A 58 18.86 -5.09 -8.03
N THR A 59 17.73 -5.35 -8.70
CA THR A 59 16.63 -4.41 -8.69
C THR A 59 16.04 -4.26 -7.29
N VAL A 60 15.86 -3.02 -6.85
CA VAL A 60 15.39 -2.68 -5.51
C VAL A 60 13.90 -2.38 -5.60
N TYR A 61 13.15 -2.83 -4.58
CA TYR A 61 11.70 -2.67 -4.48
C TYR A 61 11.34 -2.06 -3.14
N GLU A 62 10.29 -1.22 -3.11
CA GLU A 62 9.62 -0.90 -1.85
C GLU A 62 8.88 -2.14 -1.34
N LEU A 63 9.01 -2.42 -0.06
CA LEU A 63 8.41 -3.63 0.49
C LEU A 63 6.97 -3.43 0.95
N GLY A 64 6.44 -2.21 0.92
CA GLY A 64 5.10 -2.04 1.43
C GLY A 64 5.00 -2.51 2.87
N ALA A 65 3.85 -3.08 3.21
CA ALA A 65 3.60 -3.53 4.57
C ALA A 65 4.48 -4.72 4.97
N MET A 66 5.26 -5.30 4.06
CA MET A 66 6.29 -6.23 4.51
C MET A 66 7.44 -5.51 5.22
N SER A 67 7.44 -4.17 5.20
CA SER A 67 8.31 -3.40 6.10
C SER A 67 7.99 -3.66 7.57
N LYS A 68 6.72 -3.94 7.90
CA LYS A 68 6.31 -3.98 9.31
C LYS A 68 6.99 -5.11 10.06
N ALA A 69 7.31 -6.22 9.38
CA ALA A 69 8.02 -7.30 10.03
C ALA A 69 9.40 -6.85 10.47
N PHE A 70 10.02 -5.93 9.72
CA PHE A 70 11.31 -5.38 10.13
C PHE A 70 11.16 -4.50 11.36
N THR A 71 10.24 -3.54 11.31
CA THR A 71 9.93 -2.71 12.46
C THR A 71 9.55 -3.54 13.69
N GLY A 72 8.64 -4.51 13.51
CA GLY A 72 8.20 -5.29 14.64
C GLY A 72 9.32 -6.09 15.27
N LEU A 73 10.24 -6.60 14.44
CA LEU A 73 11.33 -7.41 14.99
C LEU A 73 12.29 -6.54 15.79
N VAL A 74 12.56 -5.33 15.31
CA VAL A 74 13.42 -4.40 16.05
C VAL A 74 12.76 -4.05 17.38
N VAL A 75 11.43 -3.87 17.39
CA VAL A 75 10.73 -3.65 18.64
C VAL A 75 10.99 -4.82 19.60
N GLN A 76 10.87 -6.05 19.10
CA GLN A 76 11.12 -7.23 19.94
C GLN A 76 12.59 -7.38 20.32
N ILE A 77 13.52 -6.80 19.56
CA ILE A 77 14.90 -6.80 20.01
C ILE A 77 15.07 -5.87 21.20
N LEU A 78 14.52 -4.65 21.12
CA LEU A 78 14.60 -3.73 22.26
C LEU A 78 13.85 -4.28 23.46
N ILE A 79 12.75 -5.01 23.26
CA ILE A 79 12.08 -5.67 24.38
C ILE A 79 12.98 -6.74 24.98
N GLN A 80 13.61 -7.56 24.13
CA GLN A 80 14.47 -8.64 24.60
C GLN A 80 15.70 -8.09 25.33
N GLU A 81 16.18 -6.89 24.96
CA GLU A 81 17.31 -6.27 25.63
C GLU A 81 16.92 -5.53 26.89
N GLY A 82 15.63 -5.49 27.24
CA GLY A 82 15.25 -4.80 28.45
C GLY A 82 15.18 -3.30 28.30
N ARG A 83 15.07 -2.79 27.09
CA ARG A 83 14.94 -1.35 26.88
C ARG A 83 13.52 -0.91 26.61
N LEU A 84 12.56 -1.84 26.66
CA LEU A 84 11.18 -1.56 26.28
C LEU A 84 10.35 -2.74 26.74
N ARG A 85 9.08 -2.47 26.95
CA ARG A 85 8.10 -3.50 27.28
C ARG A 85 6.92 -3.30 26.36
N GLN A 86 6.35 -4.42 25.90
CA GLN A 86 5.20 -4.27 25.04
C GLN A 86 4.00 -3.75 25.80
N GLY A 87 3.98 -3.94 27.12
CA GLY A 87 2.97 -3.35 27.96
C GLY A 87 3.16 -1.88 28.30
N ASP A 88 4.27 -1.27 27.88
CA ASP A 88 4.51 0.14 28.18
C ASP A 88 3.48 1.01 27.48
N ASP A 89 3.09 2.11 28.14
CA ASP A 89 2.20 3.08 27.53
C ASP A 89 2.95 3.91 26.49
N ILE A 90 2.29 4.20 25.37
CA ILE A 90 2.95 4.93 24.29
C ILE A 90 3.40 6.31 24.73
N ILE A 91 2.70 6.92 25.70
CA ILE A 91 3.01 8.27 26.13
C ILE A 91 4.37 8.33 26.82
N THR A 92 4.84 7.21 27.36
CA THR A 92 6.19 7.18 27.91
C THR A 92 7.24 7.55 26.85
N TYR A 93 7.00 7.17 25.59
CA TYR A 93 7.96 7.41 24.52
C TYR A 93 7.55 8.51 23.55
N LEU A 94 6.25 8.74 23.39
CA LEU A 94 5.72 9.77 22.50
C LEU A 94 4.82 10.66 23.35
N PRO A 95 5.41 11.54 24.16
CA PRO A 95 4.64 12.19 25.24
C PRO A 95 3.57 13.14 24.75
N GLU A 96 3.66 13.64 23.51
CA GLU A 96 2.68 14.60 22.99
C GLU A 96 1.56 13.95 22.20
N MET A 97 1.59 12.63 22.01
CA MET A 97 0.50 11.98 21.28
C MET A 97 -0.69 11.75 22.20
N ARG A 98 -1.63 12.70 22.20
CA ARG A 98 -2.93 12.45 22.82
C ARG A 98 -3.87 11.76 21.82
N LEU A 99 -4.45 10.65 22.25
CA LEU A 99 -5.44 9.93 21.45
C LEU A 99 -6.68 9.75 22.32
N ASN A 100 -7.84 10.12 21.78
CA ASN A 100 -9.08 10.16 22.54
C ASN A 100 -9.96 8.95 22.23
N TYR A 101 -10.59 8.41 23.28
CA TYR A 101 -11.72 7.51 23.19
C TYR A 101 -12.82 8.06 24.07
N GLN A 102 -13.95 8.37 23.47
CA GLN A 102 -15.09 8.93 24.18
C GLN A 102 -14.72 10.27 24.80
N GLY A 103 -14.00 11.08 24.02
CA GLY A 103 -13.60 12.41 24.44
C GLY A 103 -12.48 12.47 25.46
N LYS A 104 -11.92 11.33 25.85
CA LYS A 104 -11.01 11.27 26.97
C LYS A 104 -9.70 10.63 26.55
N PRO A 105 -8.55 11.16 26.99
CA PRO A 105 -7.27 10.55 26.63
C PRO A 105 -7.24 9.08 26.99
N ALA A 106 -6.85 8.26 26.02
CA ALA A 106 -6.83 6.81 26.13
C ALA A 106 -5.42 6.32 26.39
N SER A 107 -5.32 5.23 27.17
CA SER A 107 -4.06 4.53 27.38
C SER A 107 -3.84 3.55 26.24
N LEU A 108 -2.82 3.82 25.42
CA LEU A 108 -2.42 2.94 24.34
C LEU A 108 -1.05 2.37 24.68
N THR A 109 -0.90 1.08 24.51
CA THR A 109 0.36 0.41 24.78
CA THR A 109 0.37 0.42 24.78
C THR A 109 1.14 0.19 23.50
N VAL A 110 2.40 -0.20 23.67
CA VAL A 110 3.19 -0.64 22.54
C VAL A 110 2.53 -1.83 21.86
N ALA A 111 1.95 -2.74 22.67
CA ALA A 111 1.23 -3.88 22.13
C ALA A 111 0.06 -3.46 21.26
N ASP A 112 -0.62 -2.37 21.62
CA ASP A 112 -1.75 -1.92 20.81
C ASP A 112 -1.34 -1.63 19.38
N PHE A 113 -0.13 -1.10 19.17
CA PHE A 113 0.29 -0.73 17.82
C PHE A 113 0.91 -1.93 17.10
N LEU A 114 1.63 -2.77 17.84
CA LEU A 114 2.14 -4.03 17.31
C LEU A 114 1.03 -4.87 16.68
N TYR A 115 -0.14 -4.93 17.33
CA TYR A 115 -1.18 -5.90 17.00
C TYR A 115 -2.41 -5.25 16.39
N HIS A 116 -2.32 -3.98 16.00
CA HIS A 116 -3.44 -3.24 15.40
C HIS A 116 -4.71 -3.33 16.25
N THR A 117 -4.58 -3.05 17.54
CA THR A 117 -5.72 -2.96 18.46
C THR A 117 -5.79 -1.58 19.09
N SER A 118 -5.47 -0.55 18.29
CA SER A 118 -5.32 0.82 18.78
C SER A 118 -6.55 1.68 18.55
N GLY A 119 -7.30 1.46 17.49
CA GLY A 119 -8.43 2.30 17.21
C GLY A 119 -8.18 3.45 16.25
N LEU A 120 -6.98 3.57 15.71
CA LEU A 120 -6.71 4.64 14.76
C LEU A 120 -7.60 4.49 13.53
N PRO A 121 -8.32 5.54 13.11
CA PRO A 121 -9.13 5.46 11.90
C PRO A 121 -8.29 5.24 10.64
N PHE A 122 -8.98 4.72 9.60
CA PHE A 122 -8.31 4.44 8.32
C PHE A 122 -7.64 5.69 7.76
N SER A 123 -8.21 6.86 8.01
CA SER A 123 -7.71 8.11 7.44
C SER A 123 -6.33 8.51 7.97
N THR A 124 -5.83 7.83 9.02
CA THR A 124 -4.48 8.15 9.47
C THR A 124 -3.45 7.73 8.44
N LEU A 125 -3.82 6.85 7.49
CA LEU A 125 -2.95 6.55 6.36
C LEU A 125 -2.74 7.79 5.48
N ALA A 126 -3.79 8.58 5.26
CA ALA A 126 -3.64 9.78 4.45
C ALA A 126 -2.69 10.79 5.09
N ARG A 127 -2.69 10.89 6.43
CA ARG A 127 -1.82 11.88 7.08
C ARG A 127 -0.37 11.43 7.08
N LEU A 128 -0.11 10.19 7.51
CA LEU A 128 1.26 9.68 7.58
C LEU A 128 1.92 9.55 6.21
N GLU A 129 1.14 9.35 5.15
CA GLU A 129 1.80 9.18 3.86
C GLU A 129 2.05 10.50 3.16
N ASN A 130 1.43 11.59 3.62
CA ASN A 130 1.68 12.90 3.05
C ASN A 130 2.97 13.46 3.65
N PRO A 131 3.96 13.83 2.85
CA PRO A 131 5.18 14.43 3.41
C PRO A 131 4.86 15.70 4.18
N MET A 132 5.45 15.78 5.38
CA MET A 132 5.20 16.89 6.30
C MET A 132 6.51 17.17 7.01
N PRO A 133 7.31 18.10 6.49
CA PRO A 133 8.76 18.10 6.80
C PRO A 133 9.09 18.46 8.24
N GLY A 134 8.28 19.26 8.92
CA GLY A 134 8.59 19.60 10.30
C GLY A 134 7.61 19.05 11.32
N SER A 135 7.01 17.89 11.05
CA SER A 135 5.96 17.35 11.90
C SER A 135 6.32 15.95 12.35
N ALA A 136 6.32 15.73 13.66
CA ALA A 136 6.55 14.41 14.20
C ALA A 136 5.26 13.57 14.11
N VAL A 137 5.43 12.26 14.25
CA VAL A 137 4.27 11.36 14.22
C VAL A 137 3.26 11.78 15.29
N ALA A 138 3.74 12.12 16.49
CA ALA A 138 2.81 12.46 17.57
C ALA A 138 1.96 13.68 17.22
N GLN A 139 2.53 14.65 16.50
CA GLN A 139 1.75 15.80 16.10
C GLN A 139 0.77 15.45 14.99
N GLN A 140 1.17 14.58 14.05
CA GLN A 140 0.29 14.25 12.94
C GLN A 140 -0.95 13.51 13.43
N LEU A 141 -0.84 12.81 14.55
CA LEU A 141 -1.90 11.98 15.12
C LEU A 141 -2.56 12.58 16.34
N ARG A 142 -2.05 13.71 16.85
N ARG A 142 -2.05 13.71 16.85
CA ARG A 142 -2.56 14.31 18.07
CA ARG A 142 -2.55 14.29 18.08
C ARG A 142 -4.06 14.57 17.99
C ARG A 142 -4.05 14.58 17.99
N ASN A 143 -4.79 14.14 19.02
CA ASN A 143 -6.23 14.33 19.18
C ASN A 143 -7.06 13.57 18.15
N GLU A 144 -6.54 12.48 17.61
CA GLU A 144 -7.33 11.62 16.77
C GLU A 144 -8.41 10.92 17.60
N ASN A 145 -9.57 10.70 16.99
CA ASN A 145 -10.70 10.02 17.65
C ASN A 145 -10.67 8.53 17.30
N LEU A 146 -10.42 7.70 18.31
CA LEU A 146 -10.27 6.28 18.08
C LEU A 146 -11.63 5.63 17.80
N LEU A 147 -11.61 4.54 17.02
CA LEU A 147 -12.84 3.86 16.64
C LEU A 147 -13.41 2.98 17.76
N PHE A 148 -12.62 2.62 18.75
CA PHE A 148 -13.03 1.65 19.76
C PHE A 148 -11.99 1.69 20.86
N ALA A 149 -12.32 1.10 21.99
CA ALA A 149 -11.42 1.13 23.13
C ALA A 149 -10.16 0.34 22.80
N PRO A 150 -8.98 0.89 23.06
CA PRO A 150 -7.73 0.16 22.79
C PRO A 150 -7.78 -1.28 23.29
N GLY A 151 -7.30 -2.20 22.44
CA GLY A 151 -7.30 -3.60 22.74
C GLY A 151 -8.60 -4.33 22.45
N ALA A 152 -9.67 -3.62 22.05
CA ALA A 152 -10.98 -4.25 21.99
C ALA A 152 -11.20 -5.05 20.72
N LYS A 153 -10.47 -4.75 19.63
CA LYS A 153 -10.54 -5.59 18.44
C LYS A 153 -9.33 -5.35 17.55
N PHE A 154 -9.13 -6.31 16.64
CA PHE A 154 -8.17 -6.19 15.55
C PHE A 154 -8.76 -5.32 14.46
N SER A 155 -8.00 -4.30 14.03
CA SER A 155 -8.47 -3.41 12.97
C SER A 155 -7.20 -2.84 12.31
N TYR A 156 -6.86 -3.38 11.13
CA TYR A 156 -5.57 -3.06 10.51
C TYR A 156 -5.48 -1.57 10.17
N ALA A 157 -4.34 -0.97 10.51
CA ALA A 157 -4.07 0.42 10.14
C ALA A 157 -2.57 0.59 9.98
N SER A 158 -2.17 1.08 8.81
CA SER A 158 -0.75 1.06 8.46
C SER A 158 0.05 1.93 9.41
N ALA A 159 -0.51 3.09 9.80
CA ALA A 159 0.20 4.05 10.64
C ALA A 159 0.53 3.51 12.02
N ASN A 160 -0.12 2.43 12.47
CA ASN A 160 0.29 1.82 13.73
C ASN A 160 1.80 1.55 13.78
N TYR A 161 2.40 1.16 12.64
CA TYR A 161 3.82 0.84 12.64
C TYR A 161 4.69 2.08 12.50
N ASP A 162 4.15 3.18 11.99
CA ASP A 162 4.83 4.47 12.08
C ASP A 162 4.98 4.95 13.52
N VAL A 163 3.97 4.68 14.37
CA VAL A 163 4.11 4.98 15.80
C VAL A 163 5.27 4.18 16.38
N LEU A 164 5.38 2.90 15.99
CA LEU A 164 6.46 2.04 16.49
C LEU A 164 7.84 2.48 15.99
N GLY A 165 7.93 3.02 14.77
CA GLY A 165 9.21 3.55 14.33
C GLY A 165 9.67 4.71 15.18
N ALA A 166 8.72 5.58 15.55
CA ALA A 166 9.01 6.70 16.45
C ALA A 166 9.41 6.23 17.83
N VAL A 167 8.85 5.13 18.31
CA VAL A 167 9.29 4.56 19.59
C VAL A 167 10.72 4.07 19.48
N ILE A 168 11.05 3.37 18.38
CA ILE A 168 12.42 2.90 18.16
C ILE A 168 13.40 4.07 18.27
N GLU A 169 13.11 5.16 17.56
CA GLU A 169 14.02 6.31 17.56
C GLU A 169 14.14 6.94 18.95
N ASN A 170 13.02 7.02 19.67
CA ASN A 170 13.07 7.60 21.02
C ASN A 170 13.91 6.73 21.95
N VAL A 171 13.70 5.41 21.90
CA VAL A 171 14.40 4.50 22.81
C VAL A 171 15.90 4.52 22.55
N THR A 172 16.29 4.57 21.29
CA THR A 172 17.69 4.42 20.90
C THR A 172 18.42 5.75 20.82
N GLY A 173 17.68 6.85 20.70
CA GLY A 173 18.29 8.10 20.33
C GLY A 173 18.95 8.10 18.97
N LYS A 174 18.58 7.14 18.10
CA LYS A 174 19.13 6.99 16.76
C LYS A 174 18.03 7.09 15.72
N THR A 175 18.43 7.37 14.49
CA THR A 175 17.47 7.37 13.38
C THR A 175 16.99 5.96 13.11
N PHE A 176 15.75 5.85 12.62
CA PHE A 176 15.22 4.55 12.24
C PHE A 176 16.15 3.86 11.24
N THR A 177 16.65 4.59 10.23
CA THR A 177 17.59 4.04 9.26
C THR A 177 18.74 3.31 9.95
N GLU A 178 19.32 3.95 10.97
CA GLU A 178 20.51 3.42 11.62
C GLU A 178 20.20 2.19 12.46
N VAL A 179 19.03 2.15 13.10
CA VAL A 179 18.71 1.03 13.97
C VAL A 179 18.45 -0.22 13.15
N ILE A 180 17.67 -0.08 12.07
CA ILE A 180 17.46 -1.19 11.13
C ILE A 180 18.81 -1.74 10.64
N ALA A 181 19.73 -0.85 10.25
CA ALA A 181 21.02 -1.30 9.75
C ALA A 181 21.80 -2.05 10.81
N GLU A 182 21.94 -1.45 11.99
CA GLU A 182 22.78 -2.03 13.04
C GLU A 182 22.15 -3.25 13.71
N ARG A 183 20.82 -3.29 13.83
CA ARG A 183 20.16 -4.44 14.45
C ARG A 183 19.74 -5.53 13.47
N LEU A 184 19.44 -5.22 12.20
CA LEU A 184 18.96 -6.24 11.26
C LEU A 184 19.88 -6.43 10.05
N THR A 185 20.00 -5.44 9.15
CA THR A 185 20.63 -5.71 7.85
C THR A 185 22.11 -6.03 7.99
N GLN A 186 22.85 -5.30 8.84
CA GLN A 186 24.26 -5.63 9.01
C GLN A 186 24.47 -6.99 9.68
N PRO A 187 23.82 -7.31 10.82
CA PRO A 187 24.00 -8.67 11.38
C PRO A 187 23.60 -9.81 10.44
N LEU A 188 22.48 -9.67 9.72
CA LEU A 188 22.04 -10.73 8.81
C LEU A 188 22.80 -10.75 7.49
N GLY A 189 23.52 -9.68 7.15
CA GLY A 189 24.17 -9.59 5.85
C GLY A 189 23.27 -9.18 4.69
N MET A 190 22.21 -8.41 4.95
CA MET A 190 21.30 -7.93 3.90
C MET A 190 21.80 -6.59 3.36
N SER A 191 22.92 -6.67 2.62
CA SER A 191 23.72 -5.49 2.32
C SER A 191 23.08 -4.57 1.29
N ALA A 192 21.90 -4.91 0.79
CA ALA A 192 21.20 -4.06 -0.17
C ALA A 192 19.83 -3.62 0.34
N THR A 193 19.56 -3.79 1.64
CA THR A 193 18.30 -3.41 2.27
C THR A 193 18.52 -2.16 3.12
N VAL A 194 17.58 -1.23 3.03
CA VAL A 194 17.72 0.04 3.71
C VAL A 194 16.34 0.58 4.03
N ALA A 195 16.22 1.22 5.21
CA ALA A 195 15.11 2.12 5.49
C ALA A 195 15.53 3.50 4.98
N VAL A 196 14.77 4.02 4.03
CA VAL A 196 15.11 5.29 3.40
C VAL A 196 14.64 6.44 4.28
N LYS A 197 15.17 7.63 4.00
CA LYS A 197 14.87 8.84 4.74
C LYS A 197 13.96 9.79 3.98
N GLY A 198 13.54 9.42 2.78
CA GLY A 198 12.84 10.35 1.90
C GLY A 198 12.84 9.79 0.48
N ASP A 199 12.61 10.68 -0.49
CA ASP A 199 12.66 10.26 -1.89
C ASP A 199 14.02 10.56 -2.52
N GLU A 200 15.10 10.40 -1.76
CA GLU A 200 16.45 10.49 -2.31
C GLU A 200 16.66 9.37 -3.31
N ILE A 201 17.52 9.62 -4.30
CA ILE A 201 17.70 8.67 -5.39
C ILE A 201 18.38 7.41 -4.87
N ILE A 202 17.75 6.27 -5.12
CA ILE A 202 18.29 4.97 -4.76
C ILE A 202 18.72 4.30 -6.06
N VAL A 203 20.02 4.09 -6.24
CA VAL A 203 20.46 3.38 -7.42
CA VAL A 203 20.49 3.36 -7.41
C VAL A 203 19.88 1.97 -7.40
N ASN A 204 19.44 1.50 -8.57
CA ASN A 204 18.86 0.19 -8.84
C ASN A 204 17.39 0.09 -8.46
N LYS A 205 16.76 1.14 -7.96
CA LYS A 205 15.35 1.01 -7.59
C LYS A 205 14.49 0.92 -8.85
N ALA A 206 13.55 -0.02 -8.84
CA ALA A 206 12.58 -0.07 -9.92
C ALA A 206 11.80 1.23 -10.01
N SER A 207 11.42 1.61 -11.22
CA SER A 207 10.33 2.55 -11.35
C SER A 207 9.03 1.86 -10.94
N GLY A 208 8.11 2.64 -10.39
CA GLY A 208 6.83 2.13 -9.93
C GLY A 208 5.73 2.54 -10.89
N TYR A 209 4.74 1.67 -11.04
CA TYR A 209 3.74 1.87 -12.08
C TYR A 209 2.35 1.74 -11.48
N LYS A 210 1.36 2.22 -12.23
CA LYS A 210 -0.01 2.15 -11.76
C LYS A 210 -0.94 2.14 -12.95
N LEU A 211 -2.01 1.35 -12.84
CA LEU A 211 -2.89 1.11 -13.97
C LEU A 211 -3.60 2.40 -14.37
N GLY A 212 -3.61 2.67 -15.67
CA GLY A 212 -4.34 3.79 -16.23
C GLY A 212 -4.79 3.52 -17.65
N PHE A 213 -6.11 3.55 -17.87
CA PHE A 213 -6.71 3.27 -19.18
C PHE A 213 -6.23 1.94 -19.75
N GLY A 214 -6.21 0.93 -18.89
CA GLY A 214 -5.85 -0.41 -19.30
C GLY A 214 -4.37 -0.73 -19.33
N LYS A 215 -3.49 0.28 -19.22
CA LYS A 215 -2.06 0.11 -19.34
C LYS A 215 -1.32 0.60 -18.09
N PRO A 216 -0.14 0.04 -17.81
CA PRO A 216 0.65 0.56 -16.68
C PRO A 216 1.20 1.94 -17.01
N VAL A 217 1.05 2.87 -16.07
CA VAL A 217 1.49 4.25 -16.25
C VAL A 217 2.50 4.56 -15.15
N LEU A 218 3.64 5.13 -15.55
CA LEU A 218 4.65 5.52 -14.57
C LEU A 218 4.04 6.45 -13.53
N PHE A 219 4.28 6.16 -12.25
CA PHE A 219 3.70 6.93 -11.16
C PHE A 219 4.78 7.26 -10.14
N HIS A 220 4.98 8.53 -9.87
CA HIS A 220 5.94 8.95 -8.85
C HIS A 220 5.17 9.14 -7.54
N ALA A 221 5.22 8.13 -6.70
CA ALA A 221 4.42 8.10 -5.48
C ALA A 221 5.10 8.90 -4.36
N PRO A 222 4.32 9.38 -3.39
CA PRO A 222 4.93 10.06 -2.24
C PRO A 222 5.80 9.10 -1.44
N LEU A 223 6.75 9.66 -0.70
CA LEU A 223 7.60 8.83 0.15
C LEU A 223 7.93 9.70 1.38
N ALA A 224 7.04 9.63 2.37
CA ALA A 224 7.14 10.47 3.56
C ALA A 224 8.04 9.78 4.59
N ARG A 225 8.99 10.54 5.13
CA ARG A 225 9.99 9.95 6.02
C ARG A 225 9.34 9.24 7.21
N ASN A 226 8.26 9.79 7.75
CA ASN A 226 7.62 9.21 8.93
C ASN A 226 6.94 7.89 8.66
N HIS A 227 6.62 7.60 7.40
CA HIS A 227 5.84 6.44 6.99
C HIS A 227 6.73 5.28 6.57
N VAL A 228 8.05 5.47 6.50
CA VAL A 228 8.98 4.41 6.14
C VAL A 228 8.82 3.15 6.98
N PRO A 229 8.63 3.23 8.31
CA PRO A 229 8.54 1.97 9.09
C PRO A 229 7.32 1.12 8.76
N ALA A 230 6.30 1.70 8.11
CA ALA A 230 5.12 0.96 7.73
C ALA A 230 5.11 0.51 6.28
N ALA A 231 5.91 1.12 5.41
CA ALA A 231 5.61 1.01 3.99
C ALA A 231 6.82 1.03 3.05
N TYR A 232 7.98 1.54 3.50
CA TYR A 232 9.00 2.00 2.57
C TYR A 232 10.38 1.49 2.93
N ILE A 233 10.49 0.32 3.53
CA ILE A 233 11.78 -0.34 3.55
C ILE A 233 12.05 -0.91 2.16
N HIS A 234 13.27 -0.72 1.66
CA HIS A 234 13.65 -1.11 0.31
C HIS A 234 14.53 -2.34 0.37
N SER A 235 14.24 -3.33 -0.47
CA SER A 235 15.05 -4.54 -0.45
C SER A 235 15.15 -5.11 -1.86
N THR A 236 15.81 -6.25 -1.95
CA THR A 236 16.03 -7.00 -3.19
C THR A 236 15.68 -8.46 -2.93
N LEU A 237 15.53 -9.21 -4.02
CA LEU A 237 15.18 -10.63 -3.87
C LEU A 237 16.27 -11.45 -3.17
N PRO A 238 17.56 -11.27 -3.46
CA PRO A 238 18.57 -11.99 -2.66
C PRO A 238 18.54 -11.61 -1.19
N ASP A 239 18.28 -10.34 -0.87
CA ASP A 239 18.18 -9.97 0.53
C ASP A 239 16.96 -10.59 1.18
N MET A 240 15.84 -10.67 0.44
CA MET A 240 14.64 -11.25 1.01
C MET A 240 14.76 -12.76 1.19
N GLU A 241 15.63 -13.41 0.42
CA GLU A 241 15.91 -14.82 0.63
C GLU A 241 16.70 -15.02 1.90
N ILE A 242 17.66 -14.12 2.17
CA ILE A 242 18.40 -14.10 3.42
C ILE A 242 17.46 -13.84 4.59
N TRP A 243 16.51 -12.92 4.42
CA TRP A 243 15.48 -12.66 5.43
C TRP A 243 14.74 -13.95 5.75
N ILE A 244 14.12 -14.54 4.72
CA ILE A 244 13.45 -15.83 4.84
C ILE A 244 14.35 -16.85 5.53
N ASP A 245 15.59 -16.98 5.07
CA ASP A 245 16.43 -18.03 5.63
CA ASP A 245 16.49 -18.00 5.62
C ASP A 245 16.75 -17.78 7.11
N ALA A 246 16.82 -16.52 7.53
CA ALA A 246 17.08 -16.22 8.94
C ALA A 246 15.89 -16.65 9.81
N TRP A 247 14.66 -16.36 9.36
CA TRP A 247 13.48 -16.77 10.09
C TRP A 247 13.34 -18.30 10.13
N LEU A 248 13.81 -19.00 9.09
CA LEU A 248 13.69 -20.46 9.08
C LEU A 248 14.82 -21.14 9.86
N HIS A 249 15.99 -20.50 9.98
CA HIS A 249 17.22 -21.16 10.46
C HIS A 249 17.92 -20.21 11.44
N ARG A 250 17.60 -20.34 12.71
CA ARG A 250 18.03 -19.39 13.73
C ARG A 250 19.22 -19.86 14.56
N LYS A 251 19.65 -21.11 14.38
CA LYS A 251 20.80 -21.61 15.14
C LYS A 251 22.00 -20.67 15.05
N ALA A 252 22.44 -20.34 13.83
CA ALA A 252 23.61 -19.50 13.67
C ALA A 252 23.45 -18.11 14.25
N LEU A 253 22.20 -17.72 14.66
CA LEU A 253 21.90 -16.36 15.09
C LEU A 253 22.20 -16.17 16.58
N PRO A 254 22.68 -14.98 16.98
CA PRO A 254 22.82 -14.69 18.42
C PRO A 254 21.47 -14.76 19.14
N ALA A 255 21.54 -15.05 20.45
CA ALA A 255 20.35 -15.44 21.21
C ALA A 255 19.34 -14.31 21.33
N THR A 256 19.78 -13.05 21.39
CA THR A 256 18.85 -11.94 21.49
C THR A 256 17.98 -11.84 20.25
N LEU A 257 18.60 -12.05 19.08
CA LEU A 257 17.87 -12.00 17.81
C LEU A 257 16.97 -13.22 17.67
N ARG A 258 17.49 -14.38 18.08
CA ARG A 258 16.70 -15.61 18.10
C ARG A 258 15.47 -15.46 18.98
N GLU A 259 15.67 -15.03 20.23
CA GLU A 259 14.57 -14.83 21.16
C GLU A 259 13.57 -13.81 20.62
N ALA A 260 14.06 -12.69 20.10
CA ALA A 260 13.16 -11.69 19.56
C ALA A 260 12.33 -12.25 18.41
N MET A 261 12.94 -13.07 17.56
CA MET A 261 12.22 -13.67 16.44
C MET A 261 11.11 -14.56 16.96
N SER A 262 11.44 -15.42 17.93
CA SER A 262 10.45 -16.33 18.47
C SER A 262 9.28 -15.56 19.08
N ASN A 263 9.56 -14.42 19.74
CA ASN A 263 8.49 -13.57 20.26
C ASN A 263 7.80 -12.80 19.15
N SER A 264 8.44 -12.64 18.00
CA SER A 264 7.83 -11.90 16.90
C SER A 264 6.76 -12.71 16.15
N TRP A 265 6.74 -14.03 16.28
CA TRP A 265 5.71 -14.84 15.64
C TRP A 265 4.59 -15.26 16.60
N ARG A 266 4.47 -14.60 17.75
CA ARG A 266 3.45 -14.92 18.73
C ARG A 266 2.26 -14.00 18.50
N GLY A 267 1.16 -14.54 17.96
CA GLY A 267 0.02 -13.71 17.57
C GLY A 267 -0.84 -13.28 18.76
N ASN A 268 -1.53 -12.16 18.60
CA ASN A 268 -2.39 -11.60 19.64
C ASN A 268 -3.74 -12.32 19.61
N SER A 269 -3.98 -13.23 20.57
CA SER A 269 -5.24 -13.96 20.67
C SER A 269 -6.31 -13.24 21.47
N ASP A 270 -6.00 -12.09 22.06
CA ASP A 270 -6.92 -11.37 22.94
C ASP A 270 -7.83 -10.40 22.20
N VAL A 271 -8.27 -10.74 20.99
CA VAL A 271 -9.24 -9.93 20.24
C VAL A 271 -10.38 -10.82 19.79
N PRO A 272 -11.59 -10.28 19.58
CA PRO A 272 -12.64 -11.08 18.97
C PRO A 272 -12.22 -11.59 17.59
N LEU A 273 -12.62 -12.82 17.30
CA LEU A 273 -12.39 -13.46 16.01
C LEU A 273 -13.73 -13.67 15.33
N ALA A 274 -13.75 -13.47 14.01
CA ALA A 274 -14.94 -13.66 13.21
C ALA A 274 -15.12 -15.15 12.89
N ALA A 275 -16.35 -15.51 12.55
CA ALA A 275 -16.66 -16.91 12.27
C ALA A 275 -15.76 -17.48 11.17
N ASP A 276 -15.41 -16.67 10.17
CA ASP A 276 -14.63 -17.18 9.05
C ASP A 276 -13.16 -16.78 9.10
N ASN A 277 -12.70 -16.26 10.25
CA ASN A 277 -11.34 -15.77 10.32
C ASN A 277 -10.90 -15.74 11.79
N ARG A 278 -10.13 -16.76 12.18
CA ARG A 278 -9.55 -16.86 13.50
C ARG A 278 -8.03 -16.73 13.44
N ILE A 279 -7.53 -16.11 12.36
CA ILE A 279 -6.10 -15.86 12.19
C ILE A 279 -5.65 -14.74 13.13
N LEU A 280 -4.47 -14.91 13.72
CA LEU A 280 -3.89 -13.90 14.61
C LEU A 280 -2.83 -13.06 13.89
N TYR A 281 -2.67 -11.83 14.37
CA TYR A 281 -1.60 -10.94 13.95
C TYR A 281 -0.52 -10.96 15.02
N ALA A 282 0.73 -11.12 14.61
CA ALA A 282 1.86 -11.05 15.52
C ALA A 282 2.62 -9.74 15.25
N SER A 283 3.95 -9.75 15.40
CA SER A 283 4.74 -8.52 15.27
C SER A 283 5.04 -8.23 13.80
N GLY A 284 3.99 -7.92 13.04
CA GLY A 284 4.14 -7.66 11.62
C GLY A 284 3.97 -8.88 10.73
N TRP A 285 3.30 -9.93 11.20
CA TRP A 285 2.96 -11.10 10.41
C TRP A 285 1.55 -11.56 10.75
N PHE A 286 0.89 -12.21 9.79
CA PHE A 286 -0.29 -13.01 10.09
C PHE A 286 0.14 -14.43 10.39
N ILE A 287 -0.52 -15.03 11.39
CA ILE A 287 -0.22 -16.38 11.87
C ILE A 287 -1.48 -17.20 11.69
N ASP A 288 -1.36 -18.29 10.93
CA ASP A 288 -2.48 -19.14 10.57
C ASP A 288 -2.07 -20.57 10.87
N GLN A 289 -2.84 -21.23 11.76
CA GLN A 289 -2.50 -22.62 12.08
C GLN A 289 -3.07 -23.61 11.07
N ASN A 290 -4.00 -23.17 10.23
CA ASN A 290 -4.61 -24.07 9.25
C ASN A 290 -3.62 -24.43 8.13
N GLN A 291 -3.47 -25.74 7.87
CA GLN A 291 -2.43 -26.25 6.97
C GLN A 291 -1.11 -25.55 7.23
N GLY A 292 -0.80 -25.39 8.53
CA GLY A 292 0.28 -24.53 8.96
C GLY A 292 1.16 -25.09 10.06
N PRO A 293 1.85 -24.20 10.81
CA PRO A 293 1.83 -22.74 10.79
C PRO A 293 2.14 -22.14 9.41
N TYR A 294 1.30 -21.21 8.99
CA TYR A 294 1.46 -20.48 7.75
C TYR A 294 1.53 -19.00 8.11
N ILE A 295 2.75 -18.45 8.00
CA ILE A 295 3.07 -17.09 8.40
C ILE A 295 3.24 -16.27 7.14
N SER A 296 2.56 -15.13 7.07
CA SER A 296 2.41 -14.44 5.80
C SER A 296 2.16 -12.96 6.04
N HIS A 297 2.30 -12.19 4.96
CA HIS A 297 2.01 -10.77 4.94
C HIS A 297 2.14 -10.28 3.51
N GLY A 298 1.23 -9.43 3.09
CA GLY A 298 1.33 -8.78 1.81
C GLY A 298 1.91 -7.38 1.97
N GLY A 299 2.33 -6.81 0.83
CA GLY A 299 2.87 -5.46 0.82
C GLY A 299 2.22 -4.66 -0.27
N GLN A 300 1.32 -3.74 0.06
CA GLN A 300 0.57 -2.99 -0.94
C GLN A 300 0.88 -1.50 -0.82
N ASN A 301 1.62 -0.97 -1.78
CA ASN A 301 1.91 0.45 -1.91
C ASN A 301 1.21 1.02 -3.12
N PRO A 302 1.15 2.36 -3.22
CA PRO A 302 0.46 2.95 -4.38
C PRO A 302 0.92 2.42 -5.73
N ASN A 303 2.18 1.96 -5.82
CA ASN A 303 2.79 1.63 -7.11
C ASN A 303 3.81 0.52 -6.97
N PHE A 304 3.85 -0.17 -5.83
CA PHE A 304 4.55 -1.43 -5.65
C PHE A 304 3.58 -2.38 -4.97
N SER A 305 3.84 -3.68 -5.12
CA SER A 305 3.13 -4.68 -4.31
C SER A 305 4.02 -5.90 -4.20
N SER A 306 3.74 -6.71 -3.18
CA SER A 306 4.62 -7.82 -2.84
C SER A 306 3.86 -8.73 -1.89
N CYS A 307 4.46 -9.88 -1.62
CA CYS A 307 3.88 -10.83 -0.68
C CYS A 307 5.00 -11.71 -0.17
N ILE A 308 4.78 -12.25 1.02
CA ILE A 308 5.72 -13.20 1.61
C ILE A 308 4.91 -14.21 2.41
N ALA A 309 5.37 -15.46 2.41
CA ALA A 309 4.72 -16.49 3.20
C ALA A 309 5.76 -17.53 3.56
N LEU A 310 5.67 -18.04 4.79
CA LEU A 310 6.58 -19.05 5.29
C LEU A 310 5.75 -20.17 5.88
N ARG A 311 6.23 -21.39 5.73
CA ARG A 311 5.63 -22.58 6.29
C ARG A 311 6.77 -23.29 7.00
N PRO A 312 7.19 -22.76 8.16
CA PRO A 312 8.47 -23.18 8.76
C PRO A 312 8.60 -24.66 9.04
N ASP A 313 7.49 -25.38 9.24
CA ASP A 313 7.61 -26.80 9.56
C ASP A 313 8.05 -27.62 8.34
N GLN A 314 7.74 -27.14 7.13
CA GLN A 314 8.17 -27.75 5.90
CA GLN A 314 8.20 -27.77 5.91
C GLN A 314 9.37 -27.01 5.30
N GLN A 315 9.90 -26.02 6.00
CA GLN A 315 11.04 -25.23 5.59
C GLN A 315 10.77 -24.49 4.29
N ILE A 316 9.57 -23.92 4.16
CA ILE A 316 9.13 -23.31 2.91
C ILE A 316 9.10 -21.80 3.09
N GLY A 317 9.74 -21.08 2.16
CA GLY A 317 9.63 -19.64 2.12
C GLY A 317 9.36 -19.14 0.72
N ILE A 318 8.46 -18.16 0.60
CA ILE A 318 7.96 -17.69 -0.68
C ILE A 318 7.93 -16.18 -0.60
N VAL A 319 8.60 -15.49 -1.51
CA VAL A 319 8.51 -14.04 -1.59
C VAL A 319 8.32 -13.63 -3.05
N ALA A 320 7.48 -12.63 -3.27
CA ALA A 320 7.26 -12.05 -4.58
C ALA A 320 7.38 -10.54 -4.50
N LEU A 321 8.04 -9.93 -5.48
CA LEU A 321 8.22 -8.49 -5.56
C LEU A 321 7.84 -7.99 -6.95
N ALA A 322 7.13 -6.87 -6.99
CA ALA A 322 6.64 -6.31 -8.24
C ALA A 322 6.55 -4.81 -8.12
N ASN A 323 6.68 -4.13 -9.27
CA ASN A 323 6.74 -2.67 -9.31
C ASN A 323 5.43 -2.05 -9.80
N MET A 324 4.32 -2.67 -9.41
CA MET A 324 2.97 -2.14 -9.61
C MET A 324 2.10 -2.74 -8.53
N ASN A 325 1.06 -2.00 -8.13
CA ASN A 325 0.14 -2.51 -7.11
C ASN A 325 -0.87 -3.46 -7.77
N SER A 326 -0.81 -4.75 -7.43
CA SER A 326 -1.77 -5.70 -8.00
C SER A 326 -2.18 -6.75 -6.98
N ASN A 327 -3.50 -6.99 -6.87
CA ASN A 327 -4.01 -8.08 -6.05
C ASN A 327 -3.51 -9.44 -6.53
N LEU A 328 -3.22 -9.58 -7.82
CA LEU A 328 -2.67 -10.85 -8.30
C LEU A 328 -1.28 -11.12 -7.74
N ILE A 329 -0.53 -10.07 -7.40
CA ILE A 329 0.75 -10.26 -6.70
C ILE A 329 0.53 -10.45 -5.20
N LEU A 330 -0.48 -9.78 -4.63
CA LEU A 330 -0.79 -9.99 -3.22
C LEU A 330 -1.21 -11.44 -2.94
N GLN A 331 -1.89 -12.09 -3.90
CA GLN A 331 -2.36 -13.46 -3.72
C GLN A 331 -1.39 -14.52 -4.23
N LEU A 332 -0.35 -14.11 -4.98
CA LEU A 332 0.52 -15.08 -5.66
C LEU A 332 1.22 -16.02 -4.69
N CYS A 333 1.60 -15.52 -3.51
CA CYS A 333 2.26 -16.37 -2.52
C CYS A 333 1.36 -17.51 -2.10
N ALA A 334 0.07 -17.23 -1.87
CA ALA A 334 -0.90 -18.29 -1.55
C ALA A 334 -1.08 -19.26 -2.72
N ASP A 335 -1.21 -18.74 -3.95
CA ASP A 335 -1.20 -19.60 -5.14
C ASP A 335 -0.01 -20.54 -5.15
N ILE A 336 1.20 -20.01 -4.93
CA ILE A 336 2.39 -20.83 -4.95
C ILE A 336 2.37 -21.82 -3.79
N ASP A 337 1.84 -21.41 -2.64
CA ASP A 337 1.73 -22.36 -1.54
C ASP A 337 0.76 -23.51 -1.87
N ASN A 338 -0.40 -23.19 -2.49
CA ASN A 338 -1.29 -24.24 -2.96
C ASN A 338 -0.54 -25.19 -3.89
N TYR A 339 0.26 -24.61 -4.79
CA TYR A 339 0.98 -25.42 -5.75
C TYR A 339 1.91 -26.40 -5.06
N LEU A 340 2.76 -25.89 -4.17
CA LEU A 340 3.68 -26.78 -3.45
C LEU A 340 2.94 -27.77 -2.60
N ARG A 341 1.78 -27.39 -2.08
CA ARG A 341 1.08 -28.25 -1.13
C ARG A 341 0.33 -29.38 -1.84
N ILE A 342 -0.48 -29.05 -2.85
CA ILE A 342 -1.33 -30.05 -3.49
C ILE A 342 -1.17 -30.11 -5.01
N GLY A 343 -0.31 -29.28 -5.60
CA GLY A 343 -0.13 -29.32 -7.03
C GLY A 343 -1.23 -28.69 -7.84
N LYS A 344 -2.09 -27.86 -7.22
CA LYS A 344 -3.09 -27.13 -7.97
C LYS A 344 -3.29 -25.75 -7.35
N TYR A 345 -4.05 -24.92 -8.03
CA TYR A 345 -4.25 -23.54 -7.62
C TYR A 345 -5.49 -23.01 -8.33
N ALA A 346 -6.15 -22.05 -7.70
CA ALA A 346 -7.39 -21.50 -8.21
C ALA A 346 -7.09 -20.40 -9.22
N ASP A 347 -8.14 -19.91 -9.87
CA ASP A 347 -7.96 -18.88 -10.88
C ASP A 347 -7.54 -17.55 -10.22
N GLY A 348 -7.01 -16.66 -11.05
CA GLY A 348 -6.65 -15.31 -10.63
C GLY A 348 -7.80 -14.59 -9.95
N ALA A 349 -7.55 -14.07 -8.76
CA ALA A 349 -8.53 -13.24 -8.07
C ALA A 349 -8.75 -11.92 -8.82
N GLY A 350 -9.78 -11.18 -8.40
CA GLY A 350 -10.04 -9.88 -9.01
C GLY A 350 -9.07 -8.83 -8.50
N ASP A 351 -9.17 -7.63 -9.08
CA ASP A 351 -8.26 -6.54 -8.74
C ASP A 351 -9.03 -5.23 -8.74
N ALA A 352 -9.00 -4.51 -7.61
CA ALA A 352 -9.83 -3.32 -7.44
C ALA A 352 -9.41 -2.20 -8.38
N ILE A 353 -8.11 -1.98 -8.54
CA ILE A 353 -7.62 -0.95 -9.45
C ILE A 353 -8.10 -1.22 -10.89
N THR A 354 -8.04 -2.48 -11.32
CA THR A 354 -8.47 -2.82 -12.68
C THR A 354 -9.97 -2.59 -12.85
N ALA A 355 -10.78 -3.10 -11.92
CA ALA A 355 -12.23 -2.93 -12.03
C ALA A 355 -12.61 -1.45 -12.05
N THR A 356 -11.98 -0.66 -11.18
CA THR A 356 -12.22 0.78 -11.12
C THR A 356 -11.75 1.48 -12.40
N ASP A 357 -10.54 1.14 -12.88
CA ASP A 357 -10.03 1.69 -14.13
C ASP A 357 -10.97 1.39 -15.30
N THR A 358 -11.49 0.16 -15.36
CA THR A 358 -12.43 -0.19 -16.43
C THR A 358 -13.74 0.57 -16.29
N LEU A 359 -14.26 0.69 -15.07
CA LEU A 359 -15.47 1.47 -14.85
C LEU A 359 -15.30 2.91 -15.30
N PHE A 360 -14.11 3.48 -15.12
CA PHE A 360 -13.89 4.87 -15.47
C PHE A 360 -13.68 5.06 -16.98
N VAL A 361 -13.08 4.09 -17.67
CA VAL A 361 -13.02 4.15 -19.12
C VAL A 361 -14.42 4.27 -19.71
N TYR A 362 -15.34 3.41 -19.27
CA TYR A 362 -16.71 3.47 -19.79
C TYR A 362 -17.41 4.77 -19.42
N LEU A 363 -17.11 5.32 -18.23
CA LEU A 363 -17.80 6.53 -17.81
C LEU A 363 -17.34 7.75 -18.61
N THR A 364 -16.04 7.88 -18.87
CA THR A 364 -15.57 9.01 -19.68
C THR A 364 -15.98 8.87 -21.13
N LEU A 365 -16.10 7.63 -21.63
CA LEU A 365 -16.62 7.43 -22.98
C LEU A 365 -18.07 7.84 -23.08
N LEU A 366 -18.88 7.52 -22.07
CA LEU A 366 -20.27 7.97 -22.05
C LEU A 366 -20.34 9.49 -22.08
N LEU A 367 -19.44 10.17 -21.36
CA LEU A 367 -19.43 11.63 -21.33
C LEU A 367 -19.08 12.22 -22.70
N CYS A 368 -18.22 11.56 -23.46
CA CYS A 368 -17.92 12.03 -24.81
C CYS A 368 -19.13 11.84 -25.73
N PHE A 369 -19.73 10.65 -25.70
CA PHE A 369 -20.93 10.41 -26.48
C PHE A 369 -22.04 11.37 -26.10
N TRP A 370 -22.22 11.61 -24.79
CA TRP A 370 -23.18 12.60 -24.32
C TRP A 370 -22.78 14.00 -24.79
N GLY A 371 -21.49 14.33 -24.73
CA GLY A 371 -21.04 15.64 -25.15
C GLY A 371 -21.08 15.83 -26.65
N ALA A 372 -20.64 14.82 -27.40
CA ALA A 372 -20.66 14.92 -28.86
C ALA A 372 -22.09 14.98 -29.39
N VAL A 373 -23.04 14.33 -28.70
CA VAL A 373 -24.45 14.44 -29.07
C VAL A 373 -24.90 15.89 -28.96
N VAL A 374 -24.39 16.62 -27.97
CA VAL A 374 -24.79 17.99 -27.77
C VAL A 374 -24.09 18.93 -28.75
N VAL A 375 -22.83 18.63 -29.09
CA VAL A 375 -22.08 19.49 -30.01
C VAL A 375 -22.62 19.34 -31.44
N VAL A 376 -22.79 18.10 -31.89
CA VAL A 376 -23.30 17.87 -33.25
C VAL A 376 -24.72 18.40 -33.39
N ARG A 377 -25.52 18.29 -32.33
CA ARG A 377 -26.87 18.84 -32.36
C ARG A 377 -26.87 20.36 -32.42
N GLY A 378 -25.86 21.00 -31.81
CA GLY A 378 -25.82 22.46 -31.80
C GLY A 378 -25.30 23.05 -33.09
N ALA A 379 -24.28 22.43 -33.69
CA ALA A 379 -23.77 22.89 -34.98
C ALA A 379 -24.79 22.69 -36.09
N PHE A 380 -25.64 21.66 -35.97
CA PHE A 380 -26.72 21.47 -36.92
C PHE A 380 -27.78 22.56 -36.80
N ARG A 381 -28.04 23.01 -35.57
CA ARG A 381 -28.93 24.16 -35.37
C ARG A 381 -28.29 25.43 -35.92
N VAL A 382 -27.01 25.63 -35.68
CA VAL A 382 -26.39 26.92 -36.01
C VAL A 382 -26.15 27.04 -37.50
N TYR A 383 -26.00 25.91 -38.21
CA TYR A 383 -25.72 25.93 -39.64
C TYR A 383 -27.00 25.92 -40.48
N ARG A 384 -27.98 25.09 -40.10
CA ARG A 384 -29.23 25.04 -40.83
C ARG A 384 -30.04 26.33 -40.63
N ALA A 385 -30.11 26.83 -39.40
CA ALA A 385 -30.82 28.05 -39.08
C ALA A 385 -29.83 29.19 -38.80
N THR A 386 -30.27 30.42 -39.03
CA THR A 386 -29.49 31.64 -38.81
C THR A 386 -28.26 31.58 -39.71
N ALA A 387 -27.05 31.82 -39.20
CA ALA A 387 -25.82 31.80 -39.99
C ALA A 387 -25.86 32.79 -41.16
N HIS A 388 -26.52 33.94 -40.95
CA HIS A 388 -26.56 34.98 -41.98
C HIS A 388 -26.43 36.36 -41.35
N ARG A 397 -23.84 44.23 -23.53
CA ARG A 397 -23.89 43.37 -22.35
C ARG A 397 -24.64 42.06 -22.63
N LEU A 398 -24.77 41.72 -23.91
CA LEU A 398 -25.51 40.55 -24.36
C LEU A 398 -24.69 39.26 -24.23
N ARG A 399 -23.59 39.15 -24.99
CA ARG A 399 -22.72 37.99 -24.90
C ARG A 399 -22.00 37.94 -23.55
N VAL A 400 -22.19 38.93 -22.70
CA VAL A 400 -21.59 38.92 -21.36
C VAL A 400 -22.43 38.05 -20.41
N ARG A 401 -23.69 38.44 -20.19
CA ARG A 401 -24.56 37.66 -19.32
C ARG A 401 -24.79 36.25 -19.86
N ASP A 402 -24.58 36.03 -21.16
CA ASP A 402 -24.65 34.68 -21.72
C ASP A 402 -23.45 33.84 -21.28
N TYR A 403 -22.26 34.45 -21.26
CA TYR A 403 -21.05 33.76 -20.83
C TYR A 403 -20.94 33.62 -19.31
N ILE A 404 -21.78 34.33 -18.56
CA ILE A 404 -21.73 34.25 -17.10
C ILE A 404 -22.57 33.09 -16.60
N ILE A 405 -23.79 32.93 -17.13
CA ILE A 405 -24.67 31.86 -16.67
C ILE A 405 -24.15 30.49 -17.08
N ALA A 406 -23.44 30.40 -18.21
CA ALA A 406 -22.95 29.13 -18.72
C ALA A 406 -21.61 28.71 -18.13
N LEU A 407 -20.93 29.61 -17.42
CA LEU A 407 -19.63 29.30 -16.82
C LEU A 407 -19.72 29.01 -15.33
N ALA A 408 -20.73 29.52 -14.63
CA ALA A 408 -20.89 29.22 -13.22
C ALA A 408 -21.26 27.77 -12.99
N VAL A 409 -22.10 27.21 -13.86
CA VAL A 409 -22.55 25.83 -13.70
C VAL A 409 -21.37 24.85 -13.69
N PRO A 410 -20.46 24.87 -14.67
CA PRO A 410 -19.29 23.96 -14.55
C PRO A 410 -18.40 24.28 -13.37
N GLY A 411 -18.20 25.56 -13.07
CA GLY A 411 -17.45 25.95 -11.90
C GLY A 411 -18.15 25.64 -10.59
N LEU A 412 -19.48 25.56 -10.60
CA LEU A 412 -20.24 25.14 -9.43
C LEU A 412 -20.33 23.63 -9.31
N VAL A 413 -20.37 22.92 -10.44
CA VAL A 413 -20.26 21.47 -10.40
C VAL A 413 -18.87 21.06 -9.92
N ALA A 414 -17.84 21.82 -10.32
CA ALA A 414 -16.49 21.56 -9.87
C ALA A 414 -16.32 21.88 -8.39
N ALA A 415 -17.06 22.86 -7.87
CA ALA A 415 -16.99 23.18 -6.45
C ALA A 415 -17.52 22.04 -5.59
N MET A 416 -18.69 21.51 -5.95
CA MET A 416 -19.25 20.39 -5.21
C MET A 416 -18.38 19.14 -5.35
N LEU A 417 -17.78 18.94 -6.54
CA LEU A 417 -16.92 17.77 -6.74
C LEU A 417 -15.73 17.80 -5.80
N TYR A 418 -15.16 18.98 -5.58
CA TYR A 418 -13.94 19.10 -4.76
C TYR A 418 -14.18 18.71 -3.32
N VAL A 419 -15.35 19.04 -2.77
CA VAL A 419 -15.65 18.78 -1.37
C VAL A 419 -16.21 17.37 -1.15
N ALA A 420 -16.76 16.75 -2.19
CA ALA A 420 -17.47 15.48 -2.02
C ALA A 420 -16.68 14.38 -1.34
N PRO A 421 -15.37 14.19 -1.60
CA PRO A 421 -14.65 13.17 -0.83
C PRO A 421 -14.59 13.47 0.65
N GLY A 422 -14.34 14.73 1.02
CA GLY A 422 -14.30 15.07 2.44
C GLY A 422 -15.59 14.79 3.17
N ILE A 423 -16.72 14.90 2.48
CA ILE A 423 -18.04 14.74 3.10
C ILE A 423 -18.45 13.27 3.16
N MET A 424 -18.35 12.54 2.06
CA MET A 424 -18.83 11.16 2.06
C MET A 424 -17.96 10.25 2.91
N SER A 425 -16.70 10.59 3.09
CA SER A 425 -15.77 9.81 3.91
C SER A 425 -14.88 10.79 4.66
N PRO A 426 -15.28 11.17 5.87
CA PRO A 426 -14.50 12.17 6.63
C PRO A 426 -13.07 11.70 6.86
N GLY A 427 -12.12 12.60 6.57
CA GLY A 427 -10.71 12.32 6.73
C GLY A 427 -9.95 12.12 5.43
N LEU A 428 -10.64 11.83 4.33
CA LEU A 428 -10.00 11.62 3.04
C LEU A 428 -10.24 12.81 2.13
N ASP A 429 -9.33 12.97 1.17
CA ASP A 429 -9.34 14.09 0.24
C ASP A 429 -8.92 13.57 -1.12
N TRP A 430 -9.09 14.43 -2.14
CA TRP A 430 -8.73 14.02 -3.50
C TRP A 430 -7.27 13.60 -3.59
N ARG A 431 -6.39 14.27 -2.83
CA ARG A 431 -4.98 13.91 -2.84
C ARG A 431 -4.77 12.44 -2.55
N PHE A 432 -5.46 11.92 -1.53
CA PHE A 432 -5.36 10.51 -1.18
C PHE A 432 -5.92 9.63 -2.29
N ILE A 433 -7.08 10.01 -2.83
CA ILE A 433 -7.71 9.23 -3.91
C ILE A 433 -6.77 9.15 -5.11
N LEU A 434 -6.17 10.27 -5.49
CA LEU A 434 -5.28 10.30 -6.64
C LEU A 434 -4.04 9.45 -6.43
N VAL A 435 -3.52 9.40 -5.20
CA VAL A 435 -2.35 8.58 -4.91
C VAL A 435 -2.64 7.10 -5.16
N TRP A 436 -3.81 6.63 -4.74
CA TRP A 436 -4.06 5.19 -4.72
C TRP A 436 -4.88 4.66 -5.90
N GLY A 437 -5.79 5.45 -6.47
CA GLY A 437 -6.64 4.97 -7.52
C GLY A 437 -5.97 5.01 -8.88
N PRO A 438 -6.64 4.44 -9.88
CA PRO A 438 -6.07 4.43 -11.24
C PRO A 438 -5.86 5.84 -11.77
N SER A 439 -5.01 5.94 -12.79
CA SER A 439 -4.76 7.23 -13.43
C SER A 439 -6.04 7.80 -14.05
N SER A 440 -7.02 6.96 -14.31
CA SER A 440 -8.25 7.37 -14.97
C SER A 440 -9.22 8.11 -14.07
N VAL A 441 -9.00 8.13 -12.75
CA VAL A 441 -9.95 8.77 -11.83
C VAL A 441 -10.13 10.24 -12.16
N LEU A 442 -9.08 10.92 -12.64
CA LEU A 442 -9.17 12.36 -12.79
C LEU A 442 -10.03 12.76 -13.99
N ALA A 443 -10.28 11.85 -14.93
CA ALA A 443 -11.12 12.18 -16.08
C ALA A 443 -12.60 12.20 -15.71
N ILE A 444 -12.98 11.62 -14.59
CA ILE A 444 -14.38 11.61 -14.15
C ILE A 444 -14.83 13.00 -13.73
N PRO A 445 -14.13 13.69 -12.81
CA PRO A 445 -14.55 15.08 -12.51
C PRO A 445 -14.46 15.99 -13.72
N PHE A 446 -13.41 15.86 -14.51
CA PHE A 446 -13.16 16.80 -15.59
C PHE A 446 -14.18 16.65 -16.71
N GLY A 447 -14.47 15.41 -17.12
CA GLY A 447 -15.54 15.19 -18.07
C GLY A 447 -16.89 15.64 -17.56
N MET A 448 -17.08 15.59 -16.24
CA MET A 448 -18.34 16.04 -15.65
C MET A 448 -18.48 17.55 -15.74
N ILE A 449 -17.46 18.29 -15.28
CA ILE A 449 -17.53 19.75 -15.34
C ILE A 449 -17.53 20.22 -16.79
N LEU A 450 -16.79 19.53 -17.66
CA LEU A 450 -16.80 19.86 -19.09
C LEU A 450 -18.16 19.60 -19.70
N LEU A 451 -18.80 18.47 -19.36
CA LEU A 451 -20.15 18.23 -19.83
C LEU A 451 -21.14 19.23 -19.23
N ALA A 452 -21.06 19.43 -17.90
CA ALA A 452 -21.91 20.43 -17.25
C ALA A 452 -21.67 21.83 -17.79
N PHE A 453 -20.52 22.07 -18.43
CA PHE A 453 -20.28 23.34 -19.10
C PHE A 453 -21.04 23.43 -20.41
N VAL A 454 -20.87 22.44 -21.28
CA VAL A 454 -21.49 22.48 -22.61
C VAL A 454 -23.00 22.28 -22.55
N LEU A 455 -23.51 21.62 -21.50
CA LEU A 455 -24.96 21.47 -21.36
C LEU A 455 -25.60 22.80 -20.98
N THR A 456 -25.02 23.50 -20.00
CA THR A 456 -25.59 24.77 -19.56
C THR A 456 -25.52 25.83 -20.66
N LEU A 457 -24.42 25.83 -21.42
CA LEU A 457 -24.28 26.79 -22.52
C LEU A 457 -25.30 26.54 -23.61
N ASN A 458 -25.54 25.28 -23.95
CA ASN A 458 -26.49 24.96 -25.01
C ASN A 458 -27.90 25.44 -24.65
N HIS A 459 -28.35 25.19 -23.41
CA HIS A 459 -29.68 25.60 -22.99
CA HIS A 459 -29.69 25.61 -23.03
C HIS A 459 -29.78 27.12 -22.86
N GLN A 460 -28.69 27.78 -22.46
CA GLN A 460 -28.71 29.24 -22.35
C GLN A 460 -28.80 29.90 -23.72
N ILE A 461 -28.14 29.31 -24.73
CA ILE A 461 -28.19 29.85 -26.08
C ILE A 461 -29.46 29.43 -26.79
N LYS A 462 -29.90 28.18 -26.60
CA LYS A 462 -31.13 27.68 -27.22
C LYS A 462 -32.39 28.32 -26.66
N ARG A 463 -32.29 29.16 -25.63
CA ARG A 463 -33.39 29.99 -25.17
C ARG A 463 -33.38 31.37 -25.82
N ILE A 464 -32.39 31.65 -26.68
CA ILE A 464 -32.29 32.93 -27.38
C ILE A 464 -32.90 32.86 -28.78
N LEU A 465 -33.67 31.80 -29.07
CA LEU A 465 -34.19 31.58 -30.42
C LEU A 465 -35.46 32.40 -30.63
N LEU A 466 -35.36 33.46 -31.42
CA LEU A 466 -36.52 34.27 -31.75
C LEU A 466 -36.80 34.23 -33.25
#